data_2OZ5
#
_entry.id   2OZ5
#
_cell.length_a   74.396
_cell.length_b   72.488
_cell.length_c   96.064
_cell.angle_alpha   90.000
_cell.angle_beta   90.000
_cell.angle_gamma   90.000
#
_symmetry.space_group_name_H-M   'P 21 21 21'
#
loop_
_entity.id
_entity.type
_entity.pdbx_description
1 polymer 'Phosphotyrosine protein phosphatase ptpb'
2 non-polymer '{(3-CHLOROBENZYL)[(5-{[(3,3-DIPHENYLPROPYL)AMINO]SULFONYL}-2-THIENYL)METHYL]AMINO}(OXO)ACETIC ACID'
3 water water
#
_entity_poly.entity_id   1
_entity_poly.type   'polypeptide(L)'
_entity_poly.pdbx_seq_one_letter_code
;MGSSHHHHHHSSGLVPRGSHMAVRELPGAWNFRDVADTATALRPGRLFRSSELSRLDDAGRATLRRLGITDVADLRSSRE
VARRGPGRVPDGIDVHLLPFPDLADDDADDSAPHETAFKRLLTNDGSNGESGESSQSINDAATRYMTDEYRQFPTRNGAQ
RALHRVVTLLAAGRPVLTHCFAGKDRTGFVVALVLEAVGLDRDVIVADYLRSNDSVPQLRARISEMIQQRFDTELAPEVV
TFTKARLSDGVLGVRAEYLAAARQTIDETYGSLGGYLRDAGISQATVNRMRGVLLG
;
_entity_poly.pdbx_strand_id   A,B
#
# COMPACT_ATOMS: atom_id res chain seq x y z
N ARG A 24 12.43 -0.33 24.39
CA ARG A 24 12.66 -1.81 24.37
C ARG A 24 13.82 -2.23 23.47
N GLU A 25 14.94 -2.59 24.09
CA GLU A 25 16.16 -2.96 23.39
C GLU A 25 16.42 -4.46 23.51
N LEU A 26 17.29 -4.99 22.66
CA LEU A 26 17.71 -6.38 22.76
C LEU A 26 19.24 -6.35 22.76
N PRO A 27 19.86 -6.30 23.95
CA PRO A 27 21.32 -6.04 24.01
C PRO A 27 22.20 -6.99 23.19
N GLY A 28 23.04 -6.39 22.34
CA GLY A 28 23.93 -7.14 21.42
C GLY A 28 23.37 -7.18 20.00
N ALA A 29 22.10 -6.80 19.86
CA ALA A 29 21.39 -6.80 18.56
C ALA A 29 20.75 -5.44 18.42
N TRP A 30 20.17 -5.17 17.24
CA TRP A 30 19.52 -3.87 16.98
C TRP A 30 18.30 -4.08 16.08
N ASN A 31 17.60 -2.98 15.77
CA ASN A 31 16.38 -3.01 14.93
C ASN A 31 15.35 -4.04 15.47
N PHE A 32 15.26 -4.10 16.80
CA PHE A 32 14.41 -5.06 17.50
C PHE A 32 13.11 -4.41 17.89
N ARG A 33 12.00 -5.11 17.64
CA ARG A 33 10.69 -4.69 18.12
C ARG A 33 9.72 -5.84 18.14
N ASP A 34 8.75 -5.73 19.05
CA ASP A 34 7.55 -6.53 19.00
C ASP A 34 6.72 -5.85 17.91
N VAL A 35 6.34 -6.60 16.87
CA VAL A 35 5.54 -6.03 15.77
C VAL A 35 4.23 -5.36 16.26
N ALA A 36 3.70 -5.86 17.38
CA ALA A 36 2.49 -5.30 18.00
C ALA A 36 2.71 -3.91 18.57
N ASP A 37 3.97 -3.48 18.69
CA ASP A 37 4.30 -2.13 19.16
C ASP A 37 3.68 -1.05 18.25
N THR A 38 3.72 -1.28 16.93
CA THR A 38 3.02 -0.38 15.98
C THR A 38 1.70 -0.96 15.45
N ALA A 39 1.65 -2.28 15.26
CA ALA A 39 0.45 -2.95 14.77
C ALA A 39 -0.43 -3.37 15.94
N THR A 40 -1.16 -2.41 16.49
CA THR A 40 -1.82 -2.56 17.80
C THR A 40 -3.02 -3.48 17.79
N ALA A 41 -3.46 -3.89 16.60
CA ALA A 41 -4.48 -4.94 16.43
C ALA A 41 -3.97 -6.32 16.85
N LEU A 42 -2.64 -6.48 16.85
CA LEU A 42 -1.97 -7.71 17.27
C LEU A 42 -1.88 -7.83 18.78
N ARG A 43 -1.96 -9.05 19.29
CA ARG A 43 -1.61 -9.31 20.69
C ARG A 43 -0.11 -9.09 20.86
N PRO A 44 0.30 -8.46 21.98
CA PRO A 44 1.72 -8.32 22.29
C PRO A 44 2.31 -9.69 22.61
N GLY A 45 3.60 -9.84 22.33
CA GLY A 45 4.34 -11.05 22.65
C GLY A 45 4.24 -12.24 21.71
N ARG A 46 3.81 -12.04 20.45
CA ARG A 46 3.66 -13.18 19.52
C ARG A 46 4.70 -13.18 18.38
N LEU A 47 4.93 -12.01 17.80
CA LEU A 47 5.80 -11.87 16.63
C LEU A 47 6.79 -10.72 16.81
N PHE A 48 8.05 -11.10 16.80
CA PHE A 48 9.12 -10.15 17.03
C PHE A 48 10.02 -10.17 15.81
N ARG A 49 10.83 -9.12 15.67
CA ARG A 49 11.77 -9.00 14.57
C ARG A 49 13.01 -8.26 15.10
N SER A 50 14.17 -8.59 14.53
CA SER A 50 15.43 -7.99 14.94
C SER A 50 16.45 -8.18 13.84
N SER A 51 17.64 -7.61 14.08
CA SER A 51 18.84 -7.97 13.37
C SER A 51 19.33 -9.38 13.72
N GLU A 52 20.48 -9.74 13.14
CA GLU A 52 21.24 -10.92 13.52
C GLU A 52 21.43 -10.95 15.04
N LEU A 53 21.48 -12.16 15.58
CA LEU A 53 21.71 -12.37 17.00
C LEU A 53 23.13 -12.93 17.27
N SER A 54 24.04 -12.69 16.33
CA SER A 54 25.44 -13.15 16.41
C SER A 54 26.15 -12.65 17.64
N ARG A 55 25.89 -11.40 18.03
CA ARG A 55 26.54 -10.77 19.17
C ARG A 55 25.59 -10.54 20.38
N LEU A 56 24.50 -11.30 20.47
CA LEU A 56 23.61 -11.23 21.61
C LEU A 56 24.39 -11.47 22.90
N ASP A 57 24.27 -10.56 23.87
CA ASP A 57 24.98 -10.71 25.16
C ASP A 57 24.07 -11.29 26.26
N ASP A 58 24.54 -11.33 27.51
CA ASP A 58 23.77 -11.95 28.62
C ASP A 58 22.39 -11.30 28.81
N ALA A 59 22.36 -9.99 28.76
CA ALA A 59 21.13 -9.22 28.90
C ALA A 59 20.16 -9.49 27.74
N GLY A 60 20.70 -9.61 26.52
CA GLY A 60 19.88 -9.97 25.34
C GLY A 60 19.25 -11.34 25.48
N ARG A 61 20.01 -12.33 25.93
CA ARG A 61 19.51 -13.69 26.19
C ARG A 61 18.44 -13.76 27.28
N ALA A 62 18.60 -12.94 28.33
CA ALA A 62 17.64 -12.86 29.43
C ALA A 62 16.32 -12.23 28.95
N THR A 63 16.44 -11.32 28.00
CA THR A 63 15.29 -10.66 27.38
C THR A 63 14.44 -11.63 26.55
N LEU A 64 15.11 -12.47 25.76
CA LEU A 64 14.42 -13.46 24.94
C LEU A 64 13.65 -14.42 25.83
N ARG A 65 14.28 -14.86 26.91
CA ARG A 65 13.61 -15.73 27.87
C ARG A 65 12.42 -15.03 28.55
N ARG A 66 12.62 -13.79 29.02
CA ARG A 66 11.57 -13.02 29.69
C ARG A 66 10.31 -12.83 28.83
N LEU A 67 10.54 -12.56 27.56
CA LEU A 67 9.49 -12.36 26.55
C LEU A 67 8.76 -13.63 26.14
N GLY A 68 9.31 -14.78 26.52
CA GLY A 68 8.69 -16.08 26.29
C GLY A 68 8.89 -16.60 24.87
N ILE A 69 9.89 -16.05 24.17
CA ILE A 69 10.18 -16.44 22.79
C ILE A 69 10.75 -17.84 22.78
N THR A 70 10.13 -18.75 22.03
CA THR A 70 10.51 -20.16 22.02
C THR A 70 11.19 -20.59 20.73
N ASP A 71 11.04 -19.75 19.71
CA ASP A 71 11.43 -20.07 18.35
C ASP A 71 12.01 -18.85 17.63
N VAL A 72 13.13 -19.07 16.93
CA VAL A 72 13.81 -18.03 16.17
C VAL A 72 13.81 -18.43 14.71
N ALA A 73 13.44 -17.53 13.80
CA ALA A 73 13.57 -17.81 12.37
C ALA A 73 14.74 -17.02 11.79
N ASP A 74 15.83 -17.76 11.53
CA ASP A 74 17.11 -17.18 11.06
C ASP A 74 17.08 -17.27 9.53
N LEU A 75 16.80 -16.12 8.90
CA LEU A 75 16.66 -16.00 7.45
C LEU A 75 17.96 -15.81 6.68
N ARG A 76 19.09 -15.67 7.38
CA ARG A 76 20.38 -15.42 6.69
C ARG A 76 20.73 -16.57 5.76
N SER A 77 21.42 -16.29 4.66
CA SER A 77 21.96 -17.37 3.82
C SER A 77 22.94 -18.19 4.66
N SER A 78 23.19 -19.44 4.27
CA SER A 78 24.09 -20.30 5.02
C SER A 78 25.52 -19.74 5.01
N ARG A 79 25.87 -19.02 3.94
CA ARG A 79 27.14 -18.33 3.81
C ARG A 79 27.30 -17.28 4.91
N GLU A 80 26.26 -16.47 5.10
CA GLU A 80 26.25 -15.49 6.17
C GLU A 80 26.42 -16.12 7.55
N VAL A 81 25.66 -17.18 7.80
CA VAL A 81 25.70 -17.88 9.09
C VAL A 81 27.12 -18.44 9.32
N ALA A 82 27.70 -19.06 8.29
CA ALA A 82 29.07 -19.58 8.38
C ALA A 82 30.12 -18.50 8.75
N ARG A 83 29.99 -17.31 8.17
CA ARG A 83 30.99 -16.25 8.31
C ARG A 83 30.79 -15.36 9.54
N ARG A 84 29.54 -15.20 9.96
CA ARG A 84 29.25 -14.38 11.16
C ARG A 84 28.79 -15.17 12.40
N GLY A 85 28.45 -16.44 12.20
CA GLY A 85 28.13 -17.32 13.32
C GLY A 85 26.65 -17.53 13.63
N PRO A 86 26.32 -18.60 14.38
CA PRO A 86 24.95 -18.85 14.78
C PRO A 86 24.45 -17.83 15.82
N GLY A 87 23.13 -17.71 15.94
CA GLY A 87 22.54 -16.83 16.95
C GLY A 87 22.96 -17.28 18.34
N ARG A 88 23.37 -16.34 19.19
CA ARG A 88 23.77 -16.69 20.55
C ARG A 88 22.53 -16.71 21.47
N VAL A 89 21.64 -17.65 21.21
CA VAL A 89 20.35 -17.71 21.91
C VAL A 89 20.55 -18.51 23.20
N PRO A 90 19.71 -18.22 24.23
CA PRO A 90 19.82 -19.05 25.42
C PRO A 90 19.20 -20.43 25.19
N ASP A 91 19.39 -21.33 26.17
CA ASP A 91 18.76 -22.64 26.17
C ASP A 91 17.24 -22.59 26.10
N GLY A 92 16.64 -23.57 25.44
CA GLY A 92 15.18 -23.66 25.36
C GLY A 92 14.57 -22.90 24.18
N ILE A 93 15.42 -22.32 23.34
CA ILE A 93 14.95 -21.62 22.15
C ILE A 93 15.43 -22.37 20.90
N ASP A 94 14.48 -22.79 20.06
CA ASP A 94 14.81 -23.52 18.85
C ASP A 94 15.05 -22.51 17.76
N VAL A 95 16.21 -22.57 17.13
CA VAL A 95 16.56 -21.69 16.02
C VAL A 95 16.29 -22.45 14.73
N HIS A 96 15.37 -21.90 13.92
CA HIS A 96 15.00 -22.48 12.64
C HIS A 96 15.80 -21.80 11.56
N LEU A 97 16.65 -22.56 10.92
CA LEU A 97 17.42 -22.00 9.86
C LEU A 97 16.79 -22.11 8.48
N LEU A 98 16.59 -21.02 7.76
CA LEU A 98 15.38 -20.72 6.96
C LEU A 98 16.07 -19.83 5.91
N PRO A 99 17.20 -20.33 5.33
CA PRO A 99 18.07 -19.42 4.55
C PRO A 99 17.37 -18.78 3.36
N PHE A 100 17.67 -17.51 3.14
CA PHE A 100 16.94 -16.68 2.18
C PHE A 100 18.01 -15.71 1.64
N PRO A 101 18.57 -15.98 0.45
CA PRO A 101 18.30 -17.10 -0.48
C PRO A 101 18.85 -18.41 0.06
N ASP A 102 18.16 -19.49 -0.28
CA ASP A 102 18.62 -20.82 0.07
C ASP A 102 19.43 -21.30 -1.15
N LEU A 103 20.75 -21.31 -0.98
CA LEU A 103 21.65 -21.64 -2.07
C LEU A 103 22.14 -23.08 -1.95
N ALA A 104 22.20 -23.76 -3.09
CA ALA A 104 22.59 -25.18 -3.14
C ALA A 104 24.08 -25.34 -2.86
N ASP A 106 26.23 -27.41 -4.06
CA ASP A 106 27.63 -27.26 -4.50
C ASP A 106 27.60 -26.74 -5.93
N ASP A 107 27.31 -25.45 -6.05
CA ASP A 107 26.70 -24.90 -7.25
C ASP A 107 27.02 -23.41 -7.34
N ALA A 108 28.05 -23.08 -8.12
CA ALA A 108 28.49 -21.70 -8.30
C ALA A 108 27.50 -20.94 -9.16
N ASP A 109 26.73 -21.68 -9.94
CA ASP A 109 25.67 -21.10 -10.78
C ASP A 109 24.53 -20.58 -9.93
N ASP A 110 24.29 -21.23 -8.79
CA ASP A 110 23.24 -20.85 -7.84
C ASP A 110 23.57 -19.52 -7.14
N SER A 111 24.81 -19.36 -6.69
CA SER A 111 25.20 -18.13 -5.98
C SER A 111 25.58 -16.98 -6.89
N ALA A 112 25.94 -17.28 -8.14
CA ALA A 112 26.39 -16.26 -9.11
C ALA A 112 25.52 -14.99 -9.22
N PRO A 113 24.20 -15.14 -9.44
CA PRO A 113 23.35 -13.95 -9.52
C PRO A 113 23.46 -13.00 -8.31
N HIS A 114 23.57 -13.58 -7.11
CA HIS A 114 23.66 -12.80 -5.88
C HIS A 114 25.01 -12.11 -5.77
N GLU A 115 26.06 -12.84 -6.11
CA GLU A 115 27.40 -12.26 -6.09
C GLU A 115 27.52 -11.15 -7.14
N THR A 116 26.95 -11.39 -8.31
CA THR A 116 27.05 -10.43 -9.41
C THR A 116 26.27 -9.15 -9.08
N ALA A 117 25.09 -9.30 -8.46
CA ALA A 117 24.32 -8.11 -8.10
C ALA A 117 25.04 -7.27 -7.03
N PHE A 118 25.63 -7.93 -6.04
CA PHE A 118 26.41 -7.22 -5.00
C PHE A 118 27.62 -6.49 -5.58
N LYS A 119 28.39 -7.19 -6.42
CA LYS A 119 29.54 -6.61 -7.13
C LYS A 119 29.15 -5.37 -7.96
N ARG A 120 28.01 -5.42 -8.63
CA ARG A 120 27.55 -4.28 -9.42
C ARG A 120 27.20 -3.07 -8.53
N LEU A 121 26.54 -3.34 -7.41
CA LEU A 121 26.25 -2.33 -6.41
C LEU A 121 27.55 -1.64 -5.99
N LEU A 122 28.58 -2.45 -5.73
CA LEU A 122 29.84 -1.94 -5.20
C LEU A 122 30.67 -1.21 -6.26
N THR A 123 30.61 -1.69 -7.49
CA THR A 123 31.59 -1.32 -8.51
C THR A 123 31.01 -0.70 -9.78
N ASN A 124 29.90 0.03 -9.67
CA ASN A 124 29.25 0.70 -10.81
C ASN A 124 30.02 1.93 -11.25
N GLY A 132 30.88 7.93 -11.13
CA GLY A 132 30.75 6.76 -10.27
C GLY A 132 30.95 7.12 -8.79
N GLU A 133 31.68 8.19 -8.56
CA GLU A 133 32.04 8.66 -7.22
C GLU A 133 30.98 9.53 -6.54
N SER A 134 30.07 10.10 -7.33
CA SER A 134 29.08 11.03 -6.76
C SER A 134 28.05 10.30 -5.89
N SER A 135 27.51 11.01 -4.91
CA SER A 135 26.51 10.44 -4.00
C SER A 135 25.25 10.03 -4.75
N GLN A 136 24.90 10.81 -5.76
CA GLN A 136 23.73 10.51 -6.58
C GLN A 136 23.92 9.18 -7.31
N SER A 137 25.10 8.95 -7.87
CA SER A 137 25.34 7.70 -8.58
C SER A 137 25.37 6.52 -7.61
N ILE A 138 25.98 6.74 -6.45
CA ILE A 138 26.09 5.66 -5.45
C ILE A 138 24.68 5.24 -4.99
N ASN A 139 23.88 6.24 -4.65
CA ASN A 139 22.50 6.01 -4.22
C ASN A 139 21.54 5.58 -5.33
N ASP A 140 21.81 5.96 -6.59
CA ASP A 140 21.06 5.39 -7.72
C ASP A 140 21.31 3.88 -7.88
N ALA A 141 22.56 3.47 -7.75
CA ALA A 141 22.90 2.05 -7.75
C ALA A 141 22.24 1.30 -6.57
N ALA A 142 22.22 1.90 -5.38
CA ALA A 142 21.58 1.25 -4.23
C ALA A 142 20.09 1.04 -4.47
N THR A 143 19.43 2.06 -5.03
CA THR A 143 18.01 1.97 -5.38
C THR A 143 17.72 0.89 -6.41
N ARG A 144 18.53 0.87 -7.48
CA ARG A 144 18.42 -0.18 -8.47
C ARG A 144 18.62 -1.60 -7.87
N TYR A 145 19.67 -1.78 -7.07
CA TYR A 145 19.99 -3.08 -6.48
C TYR A 145 18.84 -3.58 -5.63
N MET A 146 18.38 -2.72 -4.72
CA MET A 146 17.39 -3.07 -3.73
C MET A 146 16.06 -3.36 -4.38
N THR A 147 15.65 -2.50 -5.30
CA THR A 147 14.41 -2.66 -6.01
C THR A 147 14.39 -3.99 -6.77
N ASP A 148 15.41 -4.21 -7.60
CA ASP A 148 15.46 -5.43 -8.40
C ASP A 148 15.56 -6.71 -7.56
N GLU A 149 16.23 -6.63 -6.41
CA GLU A 149 16.25 -7.81 -5.50
C GLU A 149 14.87 -8.07 -4.89
N TYR A 150 14.21 -7.01 -4.41
CA TYR A 150 12.85 -7.19 -3.83
C TYR A 150 11.88 -7.78 -4.86
N ARG A 151 11.96 -7.31 -6.12
CA ARG A 151 11.11 -7.88 -7.18
C ARG A 151 11.22 -9.40 -7.26
N GLN A 152 12.39 -9.92 -6.90
CA GLN A 152 12.65 -11.36 -6.97
C GLN A 152 12.41 -12.12 -5.67
N PHE A 153 12.20 -11.39 -4.57
CA PHE A 153 11.95 -12.01 -3.25
C PHE A 153 10.92 -13.16 -3.26
N PRO A 154 9.71 -12.91 -3.84
CA PRO A 154 8.68 -13.96 -3.75
C PRO A 154 9.07 -15.28 -4.42
N THR A 155 9.78 -15.19 -5.54
CA THR A 155 10.09 -16.37 -6.36
C THR A 155 11.44 -17.03 -6.02
N ARG A 156 12.19 -16.42 -5.11
CA ARG A 156 13.53 -16.88 -4.75
C ARG A 156 13.48 -18.13 -3.88
N ASN A 157 14.39 -19.06 -4.15
CA ASN A 157 14.50 -20.29 -3.36
C ASN A 157 14.77 -19.89 -1.91
N GLY A 158 13.92 -20.39 -1.01
CA GLY A 158 14.06 -20.17 0.43
C GLY A 158 13.03 -19.25 1.06
N ALA A 159 12.51 -18.28 0.31
CA ALA A 159 11.52 -17.32 0.85
C ALA A 159 10.21 -18.00 1.28
N GLN A 160 9.70 -18.89 0.43
CA GLN A 160 8.43 -19.58 0.68
C GLN A 160 8.58 -20.60 1.81
N ARG A 161 9.71 -21.31 1.86
CA ARG A 161 9.98 -22.23 2.99
C ARG A 161 10.08 -21.46 4.30
N ALA A 162 10.69 -20.28 4.26
CA ALA A 162 10.77 -19.42 5.45
C ALA A 162 9.40 -19.02 5.93
N LEU A 163 8.59 -18.55 4.99
CA LEU A 163 7.24 -18.06 5.30
C LEU A 163 6.38 -19.21 5.79
N HIS A 164 6.51 -20.36 5.12
CA HIS A 164 5.78 -21.56 5.55
C HIS A 164 6.07 -21.90 7.00
N ARG A 165 7.33 -21.94 7.37
CA ARG A 165 7.69 -22.31 8.78
C ARG A 165 7.20 -21.26 9.79
N VAL A 166 7.47 -20.00 9.51
CA VAL A 166 7.05 -18.92 10.41
C VAL A 166 5.52 -18.92 10.64
N VAL A 167 4.75 -19.03 9.55
CA VAL A 167 3.29 -19.09 9.67
C VAL A 167 2.88 -20.34 10.47
N THR A 168 3.47 -21.49 10.17
CA THR A 168 3.11 -22.72 10.88
C THR A 168 3.36 -22.55 12.38
N LEU A 169 4.57 -22.05 12.74
CA LEU A 169 4.90 -21.80 14.16
C LEU A 169 3.94 -20.82 14.86
N LEU A 170 3.65 -19.70 14.21
CA LEU A 170 2.69 -18.69 14.71
C LEU A 170 1.27 -19.26 14.89
N ALA A 171 0.80 -19.99 13.88
CA ALA A 171 -0.55 -20.61 13.93
C ALA A 171 -0.66 -21.62 15.08
N ALA A 172 0.46 -22.24 15.42
CA ALA A 172 0.58 -23.18 16.54
C ALA A 172 0.67 -22.51 17.92
N GLY A 173 0.64 -21.19 17.95
CA GLY A 173 0.68 -20.44 19.21
C GLY A 173 2.08 -20.20 19.76
N ARG A 174 3.12 -20.45 18.97
CA ARG A 174 4.47 -20.19 19.42
C ARG A 174 4.92 -18.74 19.15
N PRO A 175 5.46 -18.05 20.18
CA PRO A 175 6.09 -16.74 20.00
C PRO A 175 7.39 -16.84 19.19
N VAL A 176 7.45 -16.12 18.06
CA VAL A 176 8.55 -16.23 17.11
C VAL A 176 9.27 -14.92 16.91
N LEU A 177 10.60 -14.97 16.95
CA LEU A 177 11.44 -13.85 16.53
C LEU A 177 12.00 -14.16 15.15
N THR A 178 11.63 -13.32 14.18
CA THR A 178 12.16 -13.44 12.82
C THR A 178 13.30 -12.43 12.57
N HIS A 179 14.43 -12.92 12.04
CA HIS A 179 15.55 -12.04 11.75
C HIS A 179 16.37 -12.47 10.54
N CYS A 180 17.18 -11.53 10.04
CA CYS A 180 18.16 -11.82 9.01
C CYS A 180 19.49 -11.24 9.49
N PHE A 181 20.10 -10.38 8.67
CA PHE A 181 21.27 -9.62 9.12
C PHE A 181 20.83 -8.25 9.64
N ALA A 182 20.27 -7.42 8.76
CA ALA A 182 19.82 -6.07 9.12
C ALA A 182 18.40 -6.07 9.70
N GLY A 183 17.65 -7.14 9.46
CA GLY A 183 16.28 -7.24 10.01
C GLY A 183 15.31 -6.26 9.33
N LYS A 184 15.64 -5.87 8.10
CA LYS A 184 14.92 -4.77 7.44
C LYS A 184 14.25 -5.13 6.11
N ASP A 185 14.87 -6.01 5.31
CA ASP A 185 14.40 -6.33 3.96
C ASP A 185 13.85 -7.75 3.86
N ARG A 186 14.73 -8.74 4.00
CA ARG A 186 14.29 -10.12 4.12
C ARG A 186 13.30 -10.28 5.28
N THR A 187 13.69 -9.81 6.47
CA THR A 187 12.79 -9.78 7.65
C THR A 187 11.53 -8.91 7.39
N GLY A 188 11.73 -7.74 6.81
CA GLY A 188 10.61 -6.85 6.43
C GLY A 188 9.59 -7.54 5.54
N PHE A 189 10.07 -8.30 4.58
CA PHE A 189 9.22 -9.00 3.60
C PHE A 189 8.41 -10.08 4.27
N VAL A 190 9.08 -10.93 5.06
CA VAL A 190 8.38 -11.98 5.79
C VAL A 190 7.35 -11.38 6.78
N VAL A 191 7.75 -10.38 7.56
CA VAL A 191 6.80 -9.79 8.53
C VAL A 191 5.57 -9.20 7.81
N ALA A 192 5.80 -8.44 6.74
CA ALA A 192 4.73 -7.71 6.03
C ALA A 192 3.72 -8.68 5.44
N LEU A 193 4.20 -9.82 4.97
CA LEU A 193 3.31 -10.85 4.44
C LEU A 193 2.47 -11.51 5.54
N VAL A 194 3.08 -11.81 6.68
CA VAL A 194 2.34 -12.30 7.86
C VAL A 194 1.23 -11.32 8.26
N LEU A 195 1.55 -10.02 8.31
CA LEU A 195 0.58 -9.02 8.70
C LEU A 195 -0.55 -8.87 7.68
N GLU A 196 -0.20 -8.86 6.40
CA GLU A 196 -1.25 -8.83 5.37
C GLU A 196 -2.12 -10.08 5.45
N ALA A 197 -1.48 -11.23 5.72
CA ALA A 197 -2.22 -12.51 5.84
C ALA A 197 -3.28 -12.51 6.96
N VAL A 198 -2.96 -11.87 8.08
CA VAL A 198 -3.94 -11.77 9.18
C VAL A 198 -4.90 -10.61 9.05
N GLY A 199 -4.80 -9.88 7.95
CA GLY A 199 -5.84 -8.94 7.58
C GLY A 199 -5.56 -7.50 7.97
N LEU A 200 -4.29 -7.16 8.24
CA LEU A 200 -3.95 -5.79 8.64
C LEU A 200 -3.88 -4.85 7.45
N ASP A 201 -4.14 -3.57 7.68
CA ASP A 201 -4.13 -2.61 6.60
C ASP A 201 -2.73 -2.16 6.21
N ARG A 202 -2.63 -1.74 4.95
CA ARG A 202 -1.37 -1.32 4.34
C ARG A 202 -0.61 -0.27 5.15
N ASP A 203 -1.30 0.77 5.64
CA ASP A 203 -0.60 1.84 6.39
C ASP A 203 0.07 1.29 7.66
N VAL A 204 -0.60 0.35 8.33
CA VAL A 204 -0.01 -0.26 9.53
C VAL A 204 1.23 -1.12 9.18
N ILE A 205 1.09 -1.91 8.13
CA ILE A 205 2.17 -2.78 7.67
C ILE A 205 3.38 -1.93 7.27
N VAL A 206 3.13 -0.88 6.49
CA VAL A 206 4.20 -0.01 6.00
C VAL A 206 4.87 0.79 7.14
N ALA A 207 4.08 1.22 8.14
CA ALA A 207 4.61 1.88 9.32
C ALA A 207 5.63 0.98 10.07
N ASP A 208 5.25 -0.26 10.36
CA ASP A 208 6.18 -1.18 10.98
C ASP A 208 7.42 -1.42 10.08
N TYR A 209 7.19 -1.65 8.80
CA TYR A 209 8.30 -1.83 7.86
C TYR A 209 9.34 -0.67 7.88
N LEU A 210 8.84 0.57 7.84
CA LEU A 210 9.68 1.77 7.79
C LEU A 210 10.39 2.10 9.12
N ARG A 211 9.90 1.50 10.20
CA ARG A 211 10.53 1.67 11.50
C ARG A 211 12.01 1.24 11.47
N SER A 212 12.35 0.39 10.49
CA SER A 212 13.70 -0.07 10.34
C SER A 212 14.69 1.11 10.10
N ASN A 213 14.19 2.18 9.51
CA ASN A 213 14.98 3.39 9.26
C ASN A 213 15.53 4.06 10.52
N ASP A 214 14.92 3.78 11.67
CA ASP A 214 15.40 4.33 12.93
C ASP A 214 16.70 3.68 13.41
N SER A 215 17.09 2.58 12.75
CA SER A 215 18.30 1.84 13.09
C SER A 215 19.43 2.01 12.07
N VAL A 216 19.30 2.93 11.14
CA VAL A 216 20.32 3.12 10.12
C VAL A 216 21.73 3.40 10.69
N PRO A 217 21.87 4.42 11.56
CA PRO A 217 23.19 4.66 12.15
C PRO A 217 23.82 3.43 12.83
N GLN A 218 23.02 2.65 13.54
CA GLN A 218 23.50 1.42 14.13
C GLN A 218 23.94 0.40 13.06
N LEU A 219 23.15 0.26 11.99
CA LEU A 219 23.48 -0.67 10.93
C LEU A 219 24.80 -0.25 10.30
N ARG A 220 24.93 1.05 10.04
CA ARG A 220 26.14 1.61 9.44
C ARG A 220 27.40 1.23 10.26
N ALA A 221 27.33 1.39 11.59
CA ALA A 221 28.40 1.04 12.50
C ALA A 221 28.76 -0.43 12.48
N ARG A 222 27.74 -1.29 12.40
CA ARG A 222 27.96 -2.74 12.36
C ARG A 222 28.71 -3.10 11.09
N ILE A 223 28.27 -2.56 9.96
CA ILE A 223 28.90 -2.82 8.68
C ILE A 223 30.33 -2.22 8.62
N SER A 224 30.50 -0.98 9.08
CA SER A 224 31.84 -0.36 9.18
C SER A 224 32.83 -1.23 9.98
N GLU A 225 32.39 -1.76 11.13
CA GLU A 225 33.22 -2.65 11.95
C GLU A 225 33.58 -3.94 11.19
N MET A 226 32.61 -4.44 10.41
CA MET A 226 32.84 -5.60 9.57
C MET A 226 33.88 -5.32 8.49
N ILE A 227 33.81 -4.14 7.86
CA ILE A 227 34.77 -3.74 6.81
C ILE A 227 36.18 -3.67 7.40
N GLN A 228 36.31 -3.01 8.56
CA GLN A 228 37.55 -2.92 9.33
C GLN A 228 38.21 -4.28 9.64
N GLN A 229 37.39 -5.33 9.82
CA GLN A 229 37.93 -6.67 10.06
C GLN A 229 38.15 -7.56 8.81
N ARG A 230 37.36 -7.39 7.76
CA ARG A 230 37.56 -8.19 6.54
C ARG A 230 38.68 -7.67 5.65
N PHE A 231 39.06 -6.42 5.84
CA PHE A 231 40.08 -5.75 5.00
C PHE A 231 41.23 -5.30 5.88
N ASP A 232 42.46 -5.29 5.34
CA ASP A 232 43.60 -4.75 6.07
C ASP A 232 43.59 -3.25 5.93
N THR A 233 43.25 -2.56 7.03
CA THR A 233 43.04 -1.12 7.02
C THR A 233 44.33 -0.36 6.78
N GLU A 234 45.47 -1.01 7.03
CA GLU A 234 46.79 -0.42 6.78
C GLU A 234 47.28 -0.57 5.33
N LEU A 235 47.11 -1.76 4.79
CA LEU A 235 47.62 -2.10 3.47
C LEU A 235 46.62 -1.85 2.33
N ALA A 236 45.32 -1.81 2.65
CA ALA A 236 44.33 -1.46 1.63
C ALA A 236 43.32 -0.40 2.06
N PRO A 237 43.81 0.78 2.50
CA PRO A 237 42.89 1.79 3.02
C PRO A 237 41.97 2.40 1.96
N GLU A 238 42.39 2.32 0.69
CA GLU A 238 41.61 2.87 -0.43
C GLU A 238 40.40 1.99 -0.67
N VAL A 239 40.56 0.69 -0.48
CA VAL A 239 39.46 -0.27 -0.63
C VAL A 239 38.50 -0.14 0.54
N VAL A 240 39.05 0.07 1.73
CA VAL A 240 38.22 0.35 2.91
C VAL A 240 37.33 1.59 2.69
N THR A 241 37.93 2.67 2.22
CA THR A 241 37.23 3.95 1.97
C THR A 241 36.16 3.81 0.86
N PHE A 242 36.54 3.20 -0.27
CA PHE A 242 35.62 2.96 -1.40
C PHE A 242 34.39 2.13 -0.95
N THR A 243 34.68 1.07 -0.19
CA THR A 243 33.64 0.13 0.23
C THR A 243 32.68 0.78 1.22
N LYS A 244 33.22 1.45 2.25
CA LYS A 244 32.40 2.20 3.21
C LYS A 244 31.47 3.20 2.51
N ALA A 245 31.96 3.84 1.45
CA ALA A 245 31.18 4.83 0.69
C ALA A 245 29.97 4.25 -0.05
N ARG A 246 30.02 2.94 -0.32
CA ARG A 246 28.89 2.23 -0.92
C ARG A 246 28.06 1.44 0.07
N LEU A 247 28.47 1.45 1.34
CA LEU A 247 27.76 0.71 2.40
C LEU A 247 27.44 1.55 3.64
N SER A 248 27.06 2.79 3.42
CA SER A 248 26.89 3.76 4.53
C SER A 248 25.78 4.79 4.31
N ASP A 249 25.17 4.82 3.12
CA ASP A 249 24.22 5.87 2.82
C ASP A 249 22.84 5.32 2.44
N GLY A 250 22.42 5.59 1.21
CA GLY A 250 21.07 5.20 0.73
C GLY A 250 20.71 3.74 0.91
N VAL A 251 21.70 2.86 0.69
CA VAL A 251 21.56 1.38 0.75
C VAL A 251 21.17 0.83 2.14
N LEU A 252 21.34 1.62 3.20
CA LEU A 252 21.02 1.13 4.53
C LEU A 252 19.55 1.33 4.95
N GLY A 253 18.80 2.13 4.20
CA GLY A 253 17.41 2.40 4.52
C GLY A 253 16.42 1.42 3.89
N VAL A 254 15.14 1.60 4.22
CA VAL A 254 14.06 0.91 3.50
C VAL A 254 13.15 1.98 2.95
N ARG A 255 12.38 1.63 1.92
CA ARG A 255 11.45 2.57 1.30
C ARG A 255 10.21 1.79 0.91
N ALA A 256 9.04 2.42 1.02
CA ALA A 256 7.75 1.75 0.66
C ALA A 256 7.80 1.11 -0.72
N GLU A 257 8.47 1.77 -1.68
CA GLU A 257 8.60 1.27 -3.05
C GLU A 257 9.29 -0.09 -3.14
N TYR A 258 10.21 -0.39 -2.21
CA TYR A 258 10.90 -1.70 -2.22
C TYR A 258 9.88 -2.81 -2.00
N LEU A 259 9.12 -2.67 -0.91
CA LEU A 259 8.10 -3.64 -0.53
C LEU A 259 7.03 -3.74 -1.59
N ALA A 260 6.61 -2.61 -2.15
CA ALA A 260 5.61 -2.60 -3.20
C ALA A 260 6.09 -3.39 -4.42
N ALA A 261 7.39 -3.36 -4.71
CA ALA A 261 7.95 -4.14 -5.83
C ALA A 261 7.87 -5.66 -5.60
N ALA A 262 8.18 -6.11 -4.40
CA ALA A 262 7.94 -7.53 -4.03
C ALA A 262 6.43 -7.85 -4.13
N ARG A 263 5.61 -6.93 -3.60
CA ARG A 263 4.16 -7.15 -3.58
C ARG A 263 3.56 -7.18 -5.00
N GLN A 264 4.11 -6.40 -5.93
CA GLN A 264 3.65 -6.46 -7.33
C GLN A 264 4.00 -7.78 -7.98
N THR A 265 5.21 -8.30 -7.70
CA THR A 265 5.56 -9.66 -8.17
C THR A 265 4.52 -10.69 -7.74
N ILE A 266 4.11 -10.63 -6.48
CA ILE A 266 3.11 -11.57 -5.92
C ILE A 266 1.78 -11.44 -6.67
N ASP A 267 1.36 -10.19 -6.86
CA ASP A 267 0.13 -9.89 -7.64
C ASP A 267 0.17 -10.45 -9.07
N GLU A 268 1.25 -10.15 -9.79
CA GLU A 268 1.39 -10.50 -11.21
C GLU A 268 1.47 -12.00 -11.45
N THR A 269 2.26 -12.69 -10.62
CA THR A 269 2.49 -14.13 -10.78
C THR A 269 1.46 -15.02 -10.07
N TYR A 270 0.99 -14.61 -8.88
CA TYR A 270 0.12 -15.47 -8.05
C TYR A 270 -1.35 -15.03 -7.96
N GLY A 271 -1.63 -13.79 -8.37
CA GLY A 271 -3.00 -13.27 -8.43
C GLY A 271 -3.59 -12.80 -7.12
N SER A 272 -2.93 -13.15 -6.01
CA SER A 272 -3.36 -12.72 -4.69
C SER A 272 -2.32 -13.24 -3.70
N LEU A 273 -2.34 -12.66 -2.51
CA LEU A 273 -1.49 -13.18 -1.45
C LEU A 273 -1.85 -14.62 -1.12
N GLY A 274 -3.15 -14.92 -1.06
CA GLY A 274 -3.62 -16.30 -0.79
C GLY A 274 -3.04 -17.30 -1.77
N GLY A 275 -3.01 -16.93 -3.05
CA GLY A 275 -2.40 -17.76 -4.11
C GLY A 275 -0.92 -18.02 -3.87
N TYR A 276 -0.25 -16.98 -3.40
CA TYR A 276 1.17 -17.10 -3.08
C TYR A 276 1.37 -18.02 -1.89
N LEU A 277 0.57 -17.82 -0.84
CA LEU A 277 0.72 -18.65 0.37
C LEU A 277 0.44 -20.14 0.08
N ARG A 278 -0.56 -20.41 -0.76
CA ARG A 278 -0.90 -21.77 -1.17
C ARG A 278 0.25 -22.44 -1.93
N ASP A 279 0.88 -21.73 -2.87
CA ASP A 279 2.08 -22.22 -3.54
C ASP A 279 3.24 -22.49 -2.57
N ALA A 280 3.35 -21.68 -1.52
CA ALA A 280 4.31 -21.89 -0.43
C ALA A 280 3.86 -23.04 0.50
N GLY A 281 2.72 -23.65 0.21
CA GLY A 281 2.22 -24.80 0.99
C GLY A 281 1.39 -24.44 2.21
N ILE A 282 0.89 -23.22 2.25
CA ILE A 282 0.09 -22.73 3.38
C ILE A 282 -1.37 -22.57 2.98
N SER A 283 -2.29 -23.30 3.64
CA SER A 283 -3.74 -23.19 3.31
C SER A 283 -4.39 -21.99 3.98
N GLN A 284 -5.55 -21.56 3.48
CA GLN A 284 -6.31 -20.52 4.15
C GLN A 284 -6.72 -20.91 5.60
N ALA A 285 -6.92 -22.20 5.84
CA ALA A 285 -7.33 -22.65 7.17
C ALA A 285 -6.20 -22.37 8.17
N THR A 286 -4.96 -22.62 7.78
CA THR A 286 -3.81 -22.33 8.62
C THR A 286 -3.69 -20.82 8.85
N VAL A 287 -3.89 -20.03 7.79
CA VAL A 287 -3.91 -18.58 7.90
C VAL A 287 -4.98 -18.12 8.91
N ASN A 288 -6.19 -18.69 8.80
CA ASN A 288 -7.30 -18.31 9.66
C ASN A 288 -7.02 -18.68 11.12
N ARG A 289 -6.34 -19.80 11.31
CA ARG A 289 -5.87 -20.16 12.65
C ARG A 289 -4.84 -19.16 13.20
N MET A 290 -3.86 -18.81 12.38
CA MET A 290 -2.88 -17.79 12.72
C MET A 290 -3.55 -16.47 13.10
N ARG A 291 -4.53 -16.04 12.29
CA ARG A 291 -5.33 -14.84 12.62
C ARG A 291 -6.01 -14.97 13.99
N GLY A 292 -6.65 -16.11 14.25
CA GLY A 292 -7.23 -16.36 15.58
C GLY A 292 -6.22 -16.17 16.70
N VAL A 293 -5.01 -16.66 16.50
CA VAL A 293 -3.94 -16.58 17.50
C VAL A 293 -3.36 -15.16 17.68
N LEU A 294 -3.13 -14.47 16.57
CA LEU A 294 -2.35 -13.23 16.58
C LEU A 294 -3.15 -11.99 16.90
N LEU A 295 -4.44 -11.98 16.53
CA LEU A 295 -5.26 -10.80 16.75
C LEU A 295 -5.80 -10.74 18.18
N GLY A 296 -5.89 -9.53 18.72
CA GLY A 296 -6.62 -9.28 19.97
C GLY A 296 -8.09 -9.66 19.79
N ARG B 24 -11.14 -1.36 6.26
CA ARG B 24 -11.60 -2.51 5.43
C ARG B 24 -10.80 -2.60 4.14
N GLU B 25 -10.16 -3.75 3.92
CA GLU B 25 -9.35 -3.97 2.74
C GLU B 25 -10.18 -4.44 1.55
N LEU B 26 -9.83 -3.92 0.37
CA LEU B 26 -10.32 -4.45 -0.90
C LEU B 26 -9.08 -4.71 -1.75
N PRO B 27 -8.48 -5.92 -1.61
CA PRO B 27 -7.17 -6.15 -2.21
C PRO B 27 -7.09 -5.88 -3.72
N GLY B 28 -6.08 -5.07 -4.06
CA GLY B 28 -5.89 -4.54 -5.41
C GLY B 28 -6.45 -3.13 -5.55
N ALA B 29 -7.34 -2.72 -4.64
CA ALA B 29 -7.90 -1.36 -4.66
C ALA B 29 -7.57 -0.65 -3.34
N TRP B 30 -7.97 0.61 -3.20
CA TRP B 30 -7.66 1.32 -1.95
C TRP B 30 -8.77 2.34 -1.67
N ASN B 31 -8.69 3.00 -0.52
CA ASN B 31 -9.70 4.03 -0.16
C ASN B 31 -11.13 3.46 -0.17
N PHE B 32 -11.24 2.20 0.23
CA PHE B 32 -12.48 1.44 0.24
C PHE B 32 -13.15 1.52 1.59
N ARG B 33 -14.45 1.80 1.58
CA ARG B 33 -15.26 1.67 2.79
C ARG B 33 -16.73 1.54 2.45
N ASP B 34 -17.45 0.84 3.32
CA ASP B 34 -18.89 0.97 3.41
C ASP B 34 -19.12 2.36 3.98
N VAL B 35 -19.93 3.16 3.29
CA VAL B 35 -20.31 4.49 3.74
C VAL B 35 -20.97 4.45 5.13
N ALA B 36 -21.58 3.32 5.47
CA ALA B 36 -22.19 3.11 6.80
C ALA B 36 -21.14 2.93 7.90
N ASP B 37 -19.89 2.69 7.50
CA ASP B 37 -18.81 2.56 8.48
C ASP B 37 -18.70 3.87 9.25
N THR B 38 -18.89 4.99 8.54
CA THR B 38 -18.80 6.31 9.14
C THR B 38 -20.17 6.93 9.39
N ALA B 39 -21.05 6.81 8.39
CA ALA B 39 -22.44 7.30 8.51
C ALA B 39 -23.28 6.15 9.06
N THR B 40 -23.13 5.87 10.36
CA THR B 40 -23.59 4.59 10.95
C THR B 40 -25.11 4.45 11.08
N ALA B 41 -25.84 5.54 10.84
CA ALA B 41 -27.30 5.52 10.69
C ALA B 41 -27.73 4.70 9.45
N LEU B 42 -26.86 4.63 8.45
CA LEU B 42 -27.13 3.81 7.25
C LEU B 42 -27.09 2.32 7.55
N ARG B 43 -27.99 1.58 6.90
CA ARG B 43 -27.90 0.11 6.78
C ARG B 43 -26.57 -0.23 6.17
N PRO B 44 -25.82 -1.14 6.79
CA PRO B 44 -24.54 -1.60 6.23
C PRO B 44 -24.80 -2.41 4.97
N GLY B 45 -23.83 -2.40 4.06
CA GLY B 45 -23.89 -3.23 2.86
C GLY B 45 -24.79 -2.75 1.74
N ARG B 46 -25.06 -1.44 1.69
CA ARG B 46 -25.90 -0.85 0.65
C ARG B 46 -25.16 0.10 -0.28
N LEU B 47 -24.29 0.91 0.32
CA LEU B 47 -23.54 1.92 -0.41
C LEU B 47 -22.08 1.81 0.00
N PHE B 48 -21.22 1.46 -0.96
CA PHE B 48 -19.79 1.35 -0.76
C PHE B 48 -19.12 2.37 -1.68
N ARG B 49 -17.87 2.73 -1.38
CA ARG B 49 -17.11 3.64 -2.23
C ARG B 49 -15.67 3.12 -2.24
N SER B 50 -14.95 3.37 -3.34
CA SER B 50 -13.53 2.97 -3.42
C SER B 50 -12.76 3.74 -4.49
N SER B 51 -11.45 3.48 -4.58
CA SER B 51 -10.66 3.78 -5.77
C SER B 51 -11.10 2.97 -7.00
N GLU B 52 -10.41 3.17 -8.13
CA GLU B 52 -10.52 2.29 -9.31
C GLU B 52 -10.36 0.81 -8.95
N LEU B 53 -10.96 -0.04 -9.78
CA LEU B 53 -11.00 -1.51 -9.60
C LEU B 53 -10.21 -2.21 -10.70
N SER B 54 -9.42 -1.42 -11.41
CA SER B 54 -8.68 -1.91 -12.57
C SER B 54 -7.58 -2.89 -12.22
N ARG B 55 -7.13 -2.90 -10.96
CA ARG B 55 -6.11 -3.84 -10.49
C ARG B 55 -6.62 -4.76 -9.37
N LEU B 56 -7.94 -4.85 -9.21
CA LEU B 56 -8.56 -5.75 -8.25
C LEU B 56 -7.97 -7.15 -8.43
N ASP B 57 -7.50 -7.76 -7.33
CA ASP B 57 -6.93 -9.12 -7.39
C ASP B 57 -8.00 -10.19 -7.07
N ASP B 58 -7.60 -11.46 -6.95
CA ASP B 58 -8.54 -12.54 -6.73
C ASP B 58 -9.27 -12.45 -5.40
N ALA B 59 -8.58 -11.95 -4.37
CA ALA B 59 -9.19 -11.76 -3.09
C ALA B 59 -10.13 -10.54 -3.09
N GLY B 60 -9.78 -9.50 -3.85
CA GLY B 60 -10.67 -8.35 -3.99
C GLY B 60 -11.98 -8.76 -4.65
N ARG B 61 -11.92 -9.59 -5.69
CA ARG B 61 -13.09 -10.16 -6.35
C ARG B 61 -13.97 -10.96 -5.41
N ALA B 62 -13.35 -11.81 -4.59
CA ALA B 62 -14.09 -12.60 -3.61
C ALA B 62 -14.77 -11.74 -2.56
N THR B 63 -14.11 -10.65 -2.16
CA THR B 63 -14.68 -9.67 -1.21
C THR B 63 -15.95 -9.01 -1.76
N LEU B 64 -15.91 -8.58 -3.04
CA LEU B 64 -17.11 -8.06 -3.68
C LEU B 64 -18.26 -9.06 -3.67
N ARG B 65 -17.98 -10.33 -3.98
CA ARG B 65 -19.01 -11.39 -3.97
C ARG B 65 -19.57 -11.63 -2.58
N ARG B 66 -18.68 -11.75 -1.60
CA ARG B 66 -19.09 -11.94 -0.21
C ARG B 66 -19.93 -10.80 0.33
N LEU B 67 -19.60 -9.58 -0.07
CA LEU B 67 -20.35 -8.39 0.36
C LEU B 67 -21.71 -8.22 -0.35
N GLY B 68 -21.98 -9.06 -1.35
CA GLY B 68 -23.23 -9.02 -2.09
C GLY B 68 -23.39 -7.81 -3.00
N ILE B 69 -22.27 -7.25 -3.47
CA ILE B 69 -22.33 -6.07 -4.33
C ILE B 69 -22.89 -6.54 -5.67
N THR B 70 -23.97 -5.92 -6.17
CA THR B 70 -24.54 -6.32 -7.47
C THR B 70 -24.28 -5.32 -8.59
N ASP B 71 -23.87 -4.11 -8.20
CA ASP B 71 -23.72 -3.00 -9.17
C ASP B 71 -22.53 -2.14 -8.85
N VAL B 72 -21.84 -1.72 -9.90
CA VAL B 72 -20.70 -0.80 -9.77
C VAL B 72 -21.00 0.42 -10.63
N ALA B 73 -20.78 1.59 -10.04
CA ALA B 73 -20.85 2.86 -10.73
C ALA B 73 -19.43 3.39 -10.96
N ASP B 74 -18.97 3.29 -12.19
CA ASP B 74 -17.61 3.64 -12.55
C ASP B 74 -17.66 5.05 -13.14
N LEU B 75 -17.22 6.02 -12.34
CA LEU B 75 -17.31 7.45 -12.70
C LEU B 75 -16.10 7.95 -13.46
N ARG B 76 -15.16 7.07 -13.82
CA ARG B 76 -13.96 7.53 -14.51
C ARG B 76 -14.32 8.09 -15.89
N SER B 77 -13.58 9.11 -16.34
CA SER B 77 -13.71 9.52 -17.74
C SER B 77 -13.45 8.31 -18.67
N SER B 78 -14.06 8.33 -19.85
CA SER B 78 -13.86 7.28 -20.85
C SER B 78 -12.40 7.09 -21.25
N ARG B 79 -11.65 8.19 -21.27
CA ARG B 79 -10.21 8.12 -21.52
C ARG B 79 -9.50 7.28 -20.45
N GLU B 80 -9.77 7.57 -19.18
CA GLU B 80 -9.14 6.83 -18.06
C GLU B 80 -9.46 5.35 -18.14
N VAL B 81 -10.73 5.06 -18.46
CA VAL B 81 -11.22 3.68 -18.63
C VAL B 81 -10.43 2.99 -19.76
N ALA B 82 -10.23 3.68 -20.88
CA ALA B 82 -9.46 3.15 -22.00
C ALA B 82 -7.99 2.89 -21.65
N ARG B 83 -7.39 3.80 -20.88
CA ARG B 83 -5.97 3.70 -20.57
C ARG B 83 -5.63 2.73 -19.45
N ARG B 84 -6.53 2.61 -18.46
CA ARG B 84 -6.23 1.71 -17.35
C ARG B 84 -7.04 0.42 -17.35
N GLY B 85 -8.11 0.41 -18.12
CA GLY B 85 -8.94 -0.78 -18.34
C GLY B 85 -10.19 -0.86 -17.48
N PRO B 86 -11.07 -1.83 -17.79
CA PRO B 86 -12.28 -2.05 -17.01
C PRO B 86 -11.99 -2.56 -15.60
N GLY B 87 -12.94 -2.33 -14.69
CA GLY B 87 -12.84 -2.88 -13.35
C GLY B 87 -12.79 -4.39 -13.46
N ARG B 88 -11.92 -4.99 -12.67
CA ARG B 88 -11.70 -6.44 -12.77
C ARG B 88 -12.68 -7.11 -11.80
N VAL B 89 -13.98 -6.95 -12.07
CA VAL B 89 -15.01 -7.36 -11.14
C VAL B 89 -15.42 -8.82 -11.40
N PRO B 90 -15.93 -9.51 -10.37
CA PRO B 90 -16.42 -10.85 -10.65
C PRO B 90 -17.65 -10.84 -11.55
N ASP B 91 -17.85 -11.98 -12.22
CA ASP B 91 -19.00 -12.17 -13.06
C ASP B 91 -20.23 -12.02 -12.18
N GLY B 92 -21.33 -11.60 -12.79
CA GLY B 92 -22.55 -11.36 -12.04
C GLY B 92 -22.64 -9.99 -11.42
N ILE B 93 -21.63 -9.15 -11.59
CA ILE B 93 -21.72 -7.75 -11.11
C ILE B 93 -21.86 -6.81 -12.31
N ASP B 94 -22.95 -6.05 -12.40
CA ASP B 94 -23.14 -5.10 -13.52
C ASP B 94 -22.32 -3.82 -13.30
N VAL B 95 -21.45 -3.53 -14.24
CA VAL B 95 -20.60 -2.35 -14.15
C VAL B 95 -21.21 -1.28 -15.05
N HIS B 96 -21.71 -0.22 -14.43
CA HIS B 96 -22.29 0.90 -15.15
C HIS B 96 -21.20 1.94 -15.42
N LEU B 97 -20.95 2.22 -16.70
CA LEU B 97 -20.07 3.33 -16.97
C LEU B 97 -20.75 4.68 -17.16
N LEU B 98 -20.32 5.72 -16.47
CA LEU B 98 -21.05 6.72 -15.70
C LEU B 98 -19.94 7.80 -15.68
N PRO B 99 -19.34 8.04 -16.87
CA PRO B 99 -18.14 8.88 -16.92
C PRO B 99 -18.37 10.32 -16.49
N PHE B 100 -17.40 10.87 -15.77
CA PHE B 100 -17.54 12.12 -15.03
C PHE B 100 -16.13 12.73 -15.12
N PRO B 101 -15.92 13.73 -16.01
CA PRO B 101 -16.88 14.25 -16.99
C PRO B 101 -17.08 13.30 -18.18
N ASP B 102 -18.23 13.44 -18.83
CA ASP B 102 -18.59 12.61 -19.98
C ASP B 102 -18.17 13.35 -21.25
N LEU B 103 -17.04 12.96 -21.81
CA LEU B 103 -16.46 13.67 -22.95
C LEU B 103 -16.55 12.77 -24.16
N ALA B 104 -16.86 13.39 -25.29
CA ALA B 104 -17.09 12.65 -26.54
C ALA B 104 -15.82 12.02 -27.06
N ASP B 105 -15.97 10.80 -27.57
CA ASP B 105 -14.92 10.03 -28.22
C ASP B 105 -14.35 10.83 -29.41
N ASP B 106 -13.02 10.86 -29.51
CA ASP B 106 -12.30 11.51 -30.62
C ASP B 106 -12.86 12.91 -30.89
N ASP B 107 -12.86 13.73 -29.84
CA ASP B 107 -13.36 15.10 -29.87
C ASP B 107 -12.43 15.93 -28.99
N ALA B 108 -11.44 16.55 -29.63
CA ALA B 108 -10.39 17.27 -28.91
C ALA B 108 -10.85 18.58 -28.26
N ASP B 109 -11.94 19.14 -28.76
CA ASP B 109 -12.47 20.36 -28.17
C ASP B 109 -13.12 20.07 -26.81
N ASP B 110 -13.80 18.94 -26.73
CA ASP B 110 -14.48 18.51 -25.50
C ASP B 110 -13.45 18.32 -24.37
N SER B 111 -12.30 17.71 -24.68
CA SER B 111 -11.33 17.40 -23.64
C SER B 111 -10.34 18.54 -23.38
N ALA B 112 -10.23 19.48 -24.33
CA ALA B 112 -9.21 20.55 -24.25
C ALA B 112 -9.17 21.30 -22.89
N PRO B 113 -10.30 21.81 -22.38
CA PRO B 113 -10.15 22.52 -21.10
C PRO B 113 -9.70 21.65 -19.92
N HIS B 114 -9.95 20.35 -19.97
CA HIS B 114 -9.59 19.43 -18.89
C HIS B 114 -8.08 19.18 -18.92
N GLU B 115 -7.59 18.97 -20.13
CA GLU B 115 -6.14 18.82 -20.38
C GLU B 115 -5.41 20.09 -19.97
N THR B 116 -5.99 21.24 -20.28
CA THR B 116 -5.34 22.54 -20.02
C THR B 116 -5.27 22.85 -18.53
N ALA B 117 -6.36 22.61 -17.81
CA ALA B 117 -6.37 22.80 -16.36
C ALA B 117 -5.32 21.92 -15.68
N PHE B 118 -5.18 20.69 -16.18
CA PHE B 118 -4.25 19.73 -15.63
C PHE B 118 -2.82 20.15 -15.94
N LYS B 119 -2.58 20.54 -17.19
CA LYS B 119 -1.28 21.08 -17.64
C LYS B 119 -0.84 22.26 -16.78
N ARG B 120 -1.79 23.16 -16.49
CA ARG B 120 -1.53 24.34 -15.66
C ARG B 120 -1.05 23.95 -14.27
N LEU B 121 -1.77 23.01 -13.66
CA LEU B 121 -1.37 22.43 -12.38
C LEU B 121 0.04 21.83 -12.44
N LEU B 122 0.28 20.99 -13.44
CA LEU B 122 1.51 20.21 -13.52
C LEU B 122 2.73 21.08 -13.87
N THR B 123 2.51 22.20 -14.56
CA THR B 123 3.61 23.02 -15.11
C THR B 123 3.70 24.51 -14.68
N ASN B 124 2.63 25.08 -14.14
CA ASN B 124 2.60 26.54 -13.91
C ASN B 124 3.20 26.95 -12.55
N SER B 137 2.40 28.38 -3.10
CA SER B 137 2.53 28.33 -4.59
C SER B 137 2.28 26.93 -5.14
N ILE B 138 3.11 25.94 -4.81
CA ILE B 138 2.70 24.54 -4.99
C ILE B 138 1.35 24.28 -4.28
N ASN B 139 1.24 24.69 -3.02
CA ASN B 139 0.01 24.46 -2.26
C ASN B 139 -1.16 25.26 -2.83
N ASP B 140 -0.85 26.48 -3.25
CA ASP B 140 -1.85 27.36 -3.82
C ASP B 140 -2.27 26.89 -5.22
N ALA B 141 -1.31 26.41 -6.01
CA ALA B 141 -1.60 25.75 -7.30
C ALA B 141 -2.58 24.56 -7.12
N ALA B 142 -2.37 23.75 -6.08
CA ALA B 142 -3.24 22.59 -5.79
C ALA B 142 -4.64 23.04 -5.35
N THR B 143 -4.69 23.97 -4.40
CA THR B 143 -5.94 24.59 -3.95
C THR B 143 -6.78 25.17 -5.09
N ARG B 144 -6.15 25.98 -5.94
CA ARG B 144 -6.81 26.60 -7.08
C ARG B 144 -7.38 25.56 -8.03
N TYR B 145 -6.56 24.58 -8.44
CA TYR B 145 -7.01 23.53 -9.35
C TYR B 145 -8.21 22.78 -8.76
N MET B 146 -8.07 22.32 -7.52
CA MET B 146 -9.11 21.53 -6.87
C MET B 146 -10.40 22.34 -6.66
N THR B 147 -10.26 23.59 -6.20
CA THR B 147 -11.43 24.43 -5.95
C THR B 147 -12.19 24.68 -7.25
N ASP B 148 -11.43 24.97 -8.31
CA ASP B 148 -12.00 25.35 -9.61
C ASP B 148 -12.71 24.19 -10.29
N GLU B 149 -12.18 22.97 -10.10
CA GLU B 149 -12.79 21.78 -10.69
C GLU B 149 -14.08 21.44 -9.94
N TYR B 150 -14.02 21.44 -8.60
CA TYR B 150 -15.20 21.15 -7.78
C TYR B 150 -16.32 22.16 -8.04
N ARG B 151 -15.95 23.43 -8.30
CA ARG B 151 -16.94 24.45 -8.63
C ARG B 151 -17.73 24.01 -9.87
N GLN B 152 -17.06 23.33 -10.80
CA GLN B 152 -17.70 22.89 -12.04
C GLN B 152 -18.33 21.50 -12.01
N PHE B 153 -18.03 20.71 -10.98
CA PHE B 153 -18.63 19.36 -10.82
C PHE B 153 -20.12 19.24 -11.17
N PRO B 154 -20.99 20.09 -10.57
CA PRO B 154 -22.45 19.84 -10.77
C PRO B 154 -22.93 20.01 -12.22
N THR B 155 -22.25 20.85 -12.97
CA THR B 155 -22.68 21.17 -14.33
C THR B 155 -21.94 20.35 -15.41
N ARG B 156 -21.00 19.49 -15.01
CA ARG B 156 -20.26 18.68 -16.01
C ARG B 156 -21.25 17.70 -16.63
N ASN B 157 -21.25 17.58 -17.96
CA ASN B 157 -21.94 16.46 -18.62
C ASN B 157 -21.57 15.16 -17.88
N GLY B 158 -22.56 14.38 -17.50
CA GLY B 158 -22.31 13.07 -16.90
C GLY B 158 -22.58 13.02 -15.40
N ALA B 159 -22.39 14.16 -14.71
CA ALA B 159 -22.58 14.25 -13.26
C ALA B 159 -23.99 13.91 -12.78
N GLN B 160 -24.99 14.55 -13.37
CA GLN B 160 -26.37 14.29 -12.97
C GLN B 160 -26.78 12.86 -13.34
N ARG B 161 -26.39 12.37 -14.51
CA ARG B 161 -26.62 10.96 -14.84
C ARG B 161 -26.03 9.95 -13.86
N ALA B 162 -24.80 10.20 -13.42
CA ALA B 162 -24.16 9.32 -12.43
C ALA B 162 -24.96 9.31 -11.12
N LEU B 163 -25.36 10.48 -10.65
CA LEU B 163 -26.16 10.62 -9.44
C LEU B 163 -27.49 9.93 -9.60
N HIS B 164 -28.16 10.15 -10.74
CA HIS B 164 -29.43 9.48 -11.02
C HIS B 164 -29.32 7.95 -10.96
N ARG B 165 -28.31 7.41 -11.62
CA ARG B 165 -28.13 5.96 -11.63
C ARG B 165 -27.89 5.39 -10.24
N VAL B 166 -26.97 6.02 -9.51
CA VAL B 166 -26.64 5.62 -8.14
C VAL B 166 -27.88 5.69 -7.24
N VAL B 167 -28.58 6.81 -7.27
CA VAL B 167 -29.81 6.99 -6.48
C VAL B 167 -30.85 5.90 -6.76
N THR B 168 -31.11 5.64 -8.04
CA THR B 168 -32.14 4.65 -8.41
C THR B 168 -31.75 3.23 -8.01
N LEU B 169 -30.45 2.93 -8.09
CA LEU B 169 -29.98 1.62 -7.64
C LEU B 169 -30.16 1.45 -6.13
N LEU B 170 -29.82 2.49 -5.38
CA LEU B 170 -30.02 2.52 -3.92
C LEU B 170 -31.50 2.41 -3.54
N ALA B 171 -32.36 3.15 -4.25
CA ALA B 171 -33.82 3.10 -4.06
C ALA B 171 -34.41 1.70 -4.34
N ALA B 172 -33.83 0.98 -5.32
CA ALA B 172 -34.20 -0.41 -5.64
C ALA B 172 -33.57 -1.48 -4.71
N GLY B 173 -32.76 -1.02 -3.77
CA GLY B 173 -32.14 -1.90 -2.79
C GLY B 173 -31.03 -2.74 -3.36
N ARG B 174 -30.45 -2.28 -4.48
CA ARG B 174 -29.31 -2.95 -5.09
C ARG B 174 -28.02 -2.45 -4.45
N PRO B 175 -27.24 -3.33 -3.83
CA PRO B 175 -26.00 -2.89 -3.19
C PRO B 175 -24.98 -2.40 -4.22
N VAL B 176 -24.52 -1.14 -4.07
CA VAL B 176 -23.73 -0.45 -5.10
C VAL B 176 -22.36 -0.01 -4.57
N LEU B 177 -21.33 -0.31 -5.34
CA LEU B 177 -20.00 0.29 -5.13
C LEU B 177 -19.80 1.43 -6.15
N THR B 178 -19.63 2.65 -5.64
CA THR B 178 -19.37 3.84 -6.47
C THR B 178 -17.87 4.13 -6.41
N HIS B 179 -17.25 4.35 -7.56
CA HIS B 179 -15.83 4.64 -7.56
C HIS B 179 -15.43 5.47 -8.76
N CYS B 180 -14.25 6.07 -8.69
CA CYS B 180 -13.67 6.77 -9.83
C CYS B 180 -12.24 6.30 -9.96
N PHE B 181 -11.26 7.19 -9.85
CA PHE B 181 -9.83 6.74 -9.79
C PHE B 181 -9.37 6.73 -8.33
N ALA B 182 -9.30 7.92 -7.72
CA ALA B 182 -8.86 8.05 -6.32
C ALA B 182 -9.99 7.74 -5.33
N GLY B 183 -11.21 7.76 -5.82
CA GLY B 183 -12.38 7.53 -4.96
C GLY B 183 -12.65 8.64 -3.97
N LYS B 184 -12.14 9.86 -4.25
CA LYS B 184 -12.19 10.96 -3.29
C LYS B 184 -12.95 12.22 -3.68
N ASP B 185 -12.90 12.60 -4.96
CA ASP B 185 -13.51 13.84 -5.40
C ASP B 185 -14.80 13.59 -6.14
N ARG B 186 -14.73 12.92 -7.30
CA ARG B 186 -15.95 12.62 -8.04
C ARG B 186 -16.84 11.66 -7.23
N THR B 187 -16.24 10.55 -6.74
CA THR B 187 -16.90 9.65 -5.79
C THR B 187 -17.36 10.41 -4.52
N GLY B 188 -16.48 11.27 -3.98
CA GLY B 188 -16.82 12.10 -2.81
C GLY B 188 -18.09 12.92 -3.05
N PHE B 189 -18.12 13.62 -4.19
CA PHE B 189 -19.26 14.48 -4.57
C PHE B 189 -20.56 13.65 -4.62
N VAL B 190 -20.53 12.53 -5.36
CA VAL B 190 -21.71 11.70 -5.53
C VAL B 190 -22.23 11.13 -4.20
N VAL B 191 -21.32 10.58 -3.39
CA VAL B 191 -21.69 10.05 -2.08
C VAL B 191 -22.26 11.14 -1.18
N ALA B 192 -21.63 12.32 -1.14
CA ALA B 192 -22.08 13.39 -0.26
C ALA B 192 -23.50 13.85 -0.60
N LEU B 193 -23.82 13.94 -1.90
CA LEU B 193 -25.18 14.35 -2.33
C LEU B 193 -26.20 13.27 -2.01
N VAL B 194 -25.84 12.00 -2.14
CA VAL B 194 -26.72 10.92 -1.70
C VAL B 194 -27.08 11.05 -0.22
N LEU B 195 -26.05 11.27 0.61
CA LEU B 195 -26.24 11.34 2.06
C LEU B 195 -27.07 12.54 2.49
N GLU B 196 -26.83 13.69 1.86
CA GLU B 196 -27.62 14.89 2.12
C GLU B 196 -29.05 14.74 1.63
N ALA B 197 -29.22 14.04 0.51
CA ALA B 197 -30.56 13.72 0.00
C ALA B 197 -31.40 12.88 0.97
N VAL B 198 -30.78 11.94 1.70
CA VAL B 198 -31.53 11.17 2.70
C VAL B 198 -31.66 11.87 4.07
N GLY B 199 -31.06 13.04 4.23
CA GLY B 199 -31.29 13.87 5.42
C GLY B 199 -30.21 13.82 6.47
N LEU B 200 -29.03 13.31 6.10
CA LEU B 200 -27.92 13.20 7.05
C LEU B 200 -27.31 14.58 7.28
N ASP B 201 -26.82 14.82 8.49
CA ASP B 201 -26.26 16.13 8.83
C ASP B 201 -24.86 16.29 8.22
N ARG B 202 -24.44 17.54 8.06
CA ARG B 202 -23.13 17.89 7.51
C ARG B 202 -21.97 17.17 8.15
N ASP B 203 -22.01 17.04 9.48
CA ASP B 203 -20.89 16.47 10.24
C ASP B 203 -20.51 15.06 9.79
N VAL B 204 -21.51 14.19 9.69
CA VAL B 204 -21.23 12.83 9.28
C VAL B 204 -20.82 12.77 7.81
N ILE B 205 -21.47 13.58 6.98
CA ILE B 205 -21.16 13.63 5.55
C ILE B 205 -19.70 14.00 5.39
N VAL B 206 -19.29 15.10 6.05
CA VAL B 206 -17.92 15.62 5.96
C VAL B 206 -16.92 14.63 6.51
N ALA B 207 -17.26 13.96 7.62
CA ALA B 207 -16.41 12.92 8.20
C ALA B 207 -16.11 11.76 7.23
N ASP B 208 -17.15 11.18 6.63
CA ASP B 208 -16.95 10.18 5.58
C ASP B 208 -16.14 10.74 4.39
N TYR B 209 -16.44 11.95 3.95
CA TYR B 209 -15.66 12.61 2.86
C TYR B 209 -14.16 12.72 3.16
N LEU B 210 -13.85 13.25 4.34
CA LEU B 210 -12.44 13.49 4.73
C LEU B 210 -11.60 12.23 5.00
N ARG B 211 -12.25 11.08 5.20
CA ARG B 211 -11.53 9.81 5.40
C ARG B 211 -10.65 9.45 4.21
N SER B 212 -10.94 10.05 3.04
CA SER B 212 -10.05 9.88 1.87
C SER B 212 -8.62 10.39 2.11
N ASN B 213 -8.47 11.31 3.05
CA ASN B 213 -7.14 11.80 3.42
C ASN B 213 -6.22 10.69 3.96
N ASP B 214 -6.81 9.64 4.53
CA ASP B 214 -6.04 8.46 4.97
C ASP B 214 -5.35 7.71 3.84
N SER B 215 -5.79 7.96 2.61
CA SER B 215 -5.32 7.18 1.45
C SER B 215 -4.25 7.85 0.62
N VAL B 216 -3.80 9.03 1.04
CA VAL B 216 -2.81 9.82 0.30
C VAL B 216 -1.53 9.02 -0.07
N PRO B 217 -0.90 8.34 0.92
CA PRO B 217 0.30 7.58 0.52
C PRO B 217 0.03 6.48 -0.51
N GLN B 218 -1.08 5.73 -0.40
CA GLN B 218 -1.40 4.73 -1.45
C GLN B 218 -1.72 5.35 -2.81
N LEU B 219 -2.44 6.48 -2.79
CA LEU B 219 -2.72 7.20 -4.04
C LEU B 219 -1.41 7.68 -4.70
N ARG B 220 -0.51 8.24 -3.88
CA ARG B 220 0.78 8.69 -4.41
C ARG B 220 1.53 7.53 -5.06
N ALA B 221 1.51 6.35 -4.43
CA ALA B 221 2.17 5.15 -4.97
C ALA B 221 1.60 4.74 -6.31
N ARG B 222 0.27 4.71 -6.42
CA ARG B 222 -0.38 4.33 -7.67
C ARG B 222 -0.09 5.36 -8.77
N ILE B 223 -0.07 6.65 -8.43
CA ILE B 223 0.23 7.69 -9.43
C ILE B 223 1.70 7.58 -9.89
N SER B 224 2.62 7.36 -8.95
CA SER B 224 4.04 7.12 -9.30
C SER B 224 4.21 5.93 -10.22
N GLU B 225 3.43 4.86 -9.98
CA GLU B 225 3.45 3.66 -10.84
C GLU B 225 2.93 3.97 -12.26
N MET B 226 1.81 4.68 -12.37
CA MET B 226 1.31 5.11 -13.69
C MET B 226 2.31 5.98 -14.50
N ILE B 227 2.99 6.88 -13.81
CA ILE B 227 4.01 7.76 -14.42
C ILE B 227 5.09 6.89 -15.11
N GLN B 228 5.51 5.85 -14.41
CA GLN B 228 6.54 4.93 -14.90
C GLN B 228 6.13 4.23 -16.17
N GLN B 229 4.82 4.00 -16.32
CA GLN B 229 4.25 3.44 -17.54
C GLN B 229 3.85 4.49 -18.59
N ARG B 230 4.12 5.78 -18.35
CA ARG B 230 3.76 6.82 -19.32
C ARG B 230 5.01 7.44 -20.01
N PHE B 231 6.14 7.44 -19.32
CA PHE B 231 7.45 7.81 -19.89
C PHE B 231 8.61 7.04 -19.26
N ASP B 232 9.70 6.96 -20.00
CA ASP B 232 10.92 6.29 -19.56
C ASP B 232 11.55 7.06 -18.40
N THR B 233 11.13 6.73 -17.18
CA THR B 233 11.61 7.42 -15.99
C THR B 233 13.11 7.22 -15.69
N GLU B 234 13.67 6.09 -16.12
CA GLU B 234 15.13 5.88 -16.04
C GLU B 234 15.95 6.94 -16.80
N LEU B 235 15.41 7.43 -17.92
CA LEU B 235 16.06 8.49 -18.70
C LEU B 235 15.46 9.89 -18.43
N ALA B 236 14.68 10.00 -17.35
CA ALA B 236 14.13 11.30 -16.94
C ALA B 236 13.80 11.44 -15.46
N PRO B 237 14.76 11.11 -14.57
CA PRO B 237 14.42 11.27 -13.16
C PRO B 237 14.03 12.70 -12.79
N GLU B 238 14.59 13.73 -13.47
CA GLU B 238 14.19 15.15 -13.26
C GLU B 238 12.69 15.30 -13.32
N VAL B 239 12.09 14.64 -14.30
CA VAL B 239 10.66 14.81 -14.55
C VAL B 239 9.86 14.10 -13.47
N VAL B 240 10.31 12.91 -13.06
CA VAL B 240 9.74 12.22 -11.90
C VAL B 240 9.68 13.13 -10.67
N THR B 241 10.83 13.69 -10.30
CA THR B 241 10.94 14.61 -9.15
C THR B 241 10.04 15.83 -9.29
N PHE B 242 9.98 16.36 -10.50
CA PHE B 242 9.19 17.56 -10.77
C PHE B 242 7.68 17.26 -10.61
N THR B 243 7.21 16.20 -11.26
CA THR B 243 5.80 15.80 -11.23
C THR B 243 5.34 15.41 -9.83
N LYS B 244 6.20 14.69 -9.10
CA LYS B 244 5.93 14.32 -7.71
C LYS B 244 5.66 15.52 -6.82
N ALA B 245 6.43 16.59 -7.01
CA ALA B 245 6.25 17.87 -6.29
C ALA B 245 4.96 18.60 -6.71
N ARG B 246 4.63 18.57 -8.01
CA ARG B 246 3.47 19.31 -8.55
C ARG B 246 2.15 18.60 -8.20
N LEU B 247 2.19 17.27 -8.21
CA LEU B 247 1.04 16.47 -7.79
C LEU B 247 1.13 16.29 -6.29
N SER B 248 0.89 17.40 -5.62
CA SER B 248 1.20 17.56 -4.22
C SER B 248 0.11 16.94 -3.38
N ASP B 249 0.33 16.85 -2.07
CA ASP B 249 -0.69 16.38 -1.11
C ASP B 249 -2.02 17.12 -1.18
N GLY B 250 -2.00 18.40 -1.59
CA GLY B 250 -3.27 19.13 -1.85
C GLY B 250 -4.16 18.53 -2.95
N VAL B 251 -3.58 17.85 -3.93
CA VAL B 251 -4.39 17.23 -4.97
C VAL B 251 -4.59 15.74 -4.74
N LEU B 252 -3.82 15.21 -3.78
CA LEU B 252 -3.94 13.79 -3.42
C LEU B 252 -4.93 13.59 -2.28
N GLY B 253 -5.27 14.66 -1.59
CA GLY B 253 -6.25 14.59 -0.53
C GLY B 253 -7.48 15.42 -0.81
N VAL B 254 -8.21 15.76 0.26
CA VAL B 254 -9.47 16.53 0.13
C VAL B 254 -9.54 17.59 1.21
N ARG B 255 -10.41 18.58 1.03
CA ARG B 255 -10.65 19.61 2.02
C ARG B 255 -12.14 19.89 1.99
N ALA B 256 -12.74 20.08 3.17
CA ALA B 256 -14.18 20.39 3.27
C ALA B 256 -14.62 21.53 2.36
N GLU B 257 -13.76 22.55 2.22
CA GLU B 257 -14.06 23.69 1.37
C GLU B 257 -14.25 23.33 -0.12
N TYR B 258 -13.67 22.21 -0.56
CA TYR B 258 -13.82 21.78 -1.94
C TYR B 258 -15.27 21.41 -2.18
N LEU B 259 -15.74 20.50 -1.34
CA LEU B 259 -17.10 20.02 -1.37
C LEU B 259 -18.09 21.18 -1.17
N ALA B 260 -17.71 22.12 -0.30
CA ALA B 260 -18.48 23.36 -0.09
C ALA B 260 -18.65 24.17 -1.36
N ALA B 261 -17.61 24.22 -2.20
CA ALA B 261 -17.67 24.94 -3.48
C ALA B 261 -18.57 24.32 -4.56
N ALA B 262 -18.56 22.98 -4.64
CA ALA B 262 -19.56 22.23 -5.43
C ALA B 262 -21.01 22.50 -4.95
N ARG B 263 -21.24 22.44 -3.64
CA ARG B 263 -22.58 22.68 -3.08
C ARG B 263 -23.13 24.09 -3.34
N GLN B 264 -22.24 25.10 -3.33
CA GLN B 264 -22.64 26.47 -3.65
C GLN B 264 -23.03 26.60 -5.12
N THR B 265 -22.30 25.92 -6.00
CA THR B 265 -22.63 25.92 -7.42
C THR B 265 -24.04 25.36 -7.62
N ILE B 266 -24.36 24.30 -6.88
CA ILE B 266 -25.69 23.71 -6.94
C ILE B 266 -26.76 24.76 -6.57
N ASP B 267 -26.56 25.45 -5.45
CA ASP B 267 -27.51 26.46 -4.96
C ASP B 267 -27.71 27.60 -5.94
N GLU B 268 -26.60 28.08 -6.51
CA GLU B 268 -26.61 29.22 -7.40
C GLU B 268 -27.20 28.88 -8.75
N THR B 269 -27.04 27.62 -9.16
CA THR B 269 -27.46 27.18 -10.48
C THR B 269 -28.86 26.50 -10.47
N TYR B 270 -29.23 25.86 -9.36
CA TYR B 270 -30.47 25.05 -9.25
C TYR B 270 -31.39 25.38 -8.02
N GLY B 271 -30.94 26.28 -7.15
CA GLY B 271 -31.67 26.76 -5.96
C GLY B 271 -31.53 25.97 -4.68
N SER B 272 -31.30 24.67 -4.82
CA SER B 272 -31.22 23.75 -3.69
C SER B 272 -30.69 22.45 -4.22
N LEU B 273 -30.30 21.57 -3.31
CA LEU B 273 -30.09 20.17 -3.63
C LEU B 273 -31.37 19.59 -4.26
N GLY B 274 -32.50 19.83 -3.59
CA GLY B 274 -33.83 19.60 -4.18
C GLY B 274 -33.99 19.88 -5.66
N GLY B 275 -33.68 21.10 -6.11
CA GLY B 275 -33.82 21.48 -7.53
C GLY B 275 -32.83 20.83 -8.52
N TYR B 276 -31.63 20.53 -8.02
CA TYR B 276 -30.61 19.87 -8.81
C TYR B 276 -31.06 18.44 -9.09
N LEU B 277 -31.63 17.81 -8.06
CA LEU B 277 -32.13 16.44 -8.17
C LEU B 277 -33.31 16.33 -9.15
N ARG B 278 -34.27 17.24 -9.04
CA ARG B 278 -35.41 17.30 -9.98
C ARG B 278 -34.92 17.39 -11.41
N ASP B 279 -34.00 18.34 -11.64
CA ASP B 279 -33.36 18.53 -12.94
C ASP B 279 -32.61 17.29 -13.44
N ALA B 280 -32.03 16.56 -12.50
CA ALA B 280 -31.37 15.28 -12.76
C ALA B 280 -32.34 14.12 -13.04
N GLY B 281 -33.64 14.37 -12.94
CA GLY B 281 -34.66 13.32 -13.16
C GLY B 281 -34.96 12.46 -11.94
N ILE B 282 -34.59 12.95 -10.76
CA ILE B 282 -34.77 12.23 -9.50
C ILE B 282 -35.95 12.84 -8.76
N SER B 283 -37.03 12.07 -8.61
CA SER B 283 -38.24 12.60 -7.99
C SER B 283 -38.15 12.59 -6.46
N GLN B 284 -39.00 13.38 -5.82
CA GLN B 284 -39.12 13.37 -4.38
C GLN B 284 -39.49 11.97 -3.90
N ALA B 285 -40.38 11.29 -4.62
CA ALA B 285 -40.74 9.89 -4.30
C ALA B 285 -39.53 8.93 -4.32
N THR B 286 -38.64 9.13 -5.29
CA THR B 286 -37.43 8.32 -5.36
C THR B 286 -36.51 8.62 -4.18
N VAL B 287 -36.37 9.90 -3.82
CA VAL B 287 -35.60 10.33 -2.65
C VAL B 287 -36.18 9.71 -1.38
N ASN B 288 -37.50 9.86 -1.21
CA ASN B 288 -38.24 9.22 -0.09
C ASN B 288 -38.04 7.72 -0.02
N ARG B 289 -38.05 7.06 -1.17
CA ARG B 289 -37.82 5.61 -1.27
C ARG B 289 -36.41 5.21 -0.86
N MET B 290 -35.42 5.86 -1.44
CA MET B 290 -34.02 5.69 -1.05
C MET B 290 -33.82 5.89 0.45
N ARG B 291 -34.38 6.96 1.01
CA ARG B 291 -34.28 7.25 2.43
C ARG B 291 -34.85 6.12 3.30
N GLY B 292 -36.06 5.69 2.99
CA GLY B 292 -36.68 4.59 3.71
C GLY B 292 -35.80 3.38 3.74
N VAL B 293 -35.23 3.08 2.57
CA VAL B 293 -34.33 1.94 2.36
C VAL B 293 -32.99 2.07 3.13
N LEU B 294 -32.29 3.19 2.96
CA LEU B 294 -30.96 3.34 3.59
C LEU B 294 -31.03 3.58 5.09
N LEU B 295 -32.08 4.28 5.54
CA LEU B 295 -32.20 4.66 6.97
C LEU B 295 -33.09 3.72 7.83
N GLY B 296 -33.88 2.86 7.19
CA GLY B 296 -34.81 1.96 7.90
C GLY B 296 -34.21 0.69 8.48
#